data_5NYC
#
_entry.id   5NYC
#
_cell.length_a   75.469
_cell.length_b   115.492
_cell.length_c   65.192
_cell.angle_alpha   90.000
_cell.angle_beta   90.000
_cell.angle_gamma   90.000
#
_symmetry.space_group_name_H-M   'C 2 2 21'
#
loop_
_entity.id
_entity.type
_entity.pdbx_description
1 polymer Amidase
2 non-polymer DI(HYDROXYETHYL)ETHER
3 non-polymer propanenitrile
4 water water
#
_entity_poly.entity_id   1
_entity_poly.type   'polypeptide(L)'
_entity_poly.pdbx_seq_one_letter_code
;MGSSHHHHHHSSGLVPRGSHMRIALMQHTARPLDPQHNLDLIDDAAARASEQGAQLLLTPELFGFGYVPSQICAQVSAEQ
VDAARSRLRGIARDRGIALVWSLPGPEGPEQRGITAELADEHGEVLASYQKVQLYGPEEKAAFVPGEQPPPVLSWGGRQL
SLLVAYDVEFPEMVRAAAARGAQLVLVPTALAGDETSVPGILLPARAVENGITLAYANHCGPEGGLVFDGGSVVVGPAGQ
PLGELGVEPGLLVVDLPDQSQDAGSDSADYLQDRRAELHRNWL
;
_entity_poly.pdbx_strand_id   A
#
loop_
_chem_comp.id
_chem_comp.type
_chem_comp.name
_chem_comp.formula
CNV non-polymer propanenitrile 'C3 H5 N'
PEG non-polymer DI(HYDROXYETHYL)ETHER 'C4 H10 O3'
#
# COMPACT_ATOMS: atom_id res chain seq x y z
N GLY A 13 13.23 19.31 -1.29
CA GLY A 13 14.08 20.07 -2.28
C GLY A 13 14.91 19.20 -3.20
N LEU A 14 16.19 19.59 -3.36
CA LEU A 14 17.08 18.87 -4.25
C LEU A 14 17.33 17.51 -3.67
N VAL A 15 17.59 16.58 -4.57
CA VAL A 15 17.90 15.18 -4.16
C VAL A 15 19.15 15.21 -3.24
N PRO A 16 19.11 14.61 -2.06
CA PRO A 16 20.29 14.77 -1.18
C PRO A 16 21.39 13.79 -1.51
N ARG A 17 22.62 14.22 -1.19
CA ARG A 17 23.87 13.45 -1.21
C ARG A 17 23.75 11.95 -0.95
N GLY A 18 23.28 11.59 0.24
CA GLY A 18 23.29 10.16 0.57
C GLY A 18 22.04 9.35 0.24
N SER A 19 21.31 9.75 -0.82
CA SER A 19 19.99 9.10 -1.09
C SER A 19 19.84 8.87 -2.56
N HIS A 20 19.41 7.70 -2.93
CA HIS A 20 19.15 7.48 -4.28
C HIS A 20 17.74 7.00 -4.43
N MET A 21 16.90 7.05 -3.36
CA MET A 21 15.48 6.67 -3.59
C MET A 21 14.54 7.70 -2.93
N ARG A 22 13.67 8.29 -3.74
CA ARG A 22 12.73 9.27 -3.21
C ARG A 22 11.36 8.67 -3.53
N ILE A 23 10.51 8.44 -2.49
CA ILE A 23 9.16 7.90 -2.65
C ILE A 23 8.10 8.88 -2.30
N ALA A 24 6.90 8.68 -2.80
CA ALA A 24 5.76 9.52 -2.49
C ALA A 24 4.57 8.66 -2.10
N LEU A 25 3.80 9.18 -1.17
CA LEU A 25 2.57 8.56 -0.73
C LEU A 25 1.39 9.49 -0.98
N MET A 26 0.35 9.02 -1.61
CA MET A 26 -0.87 9.77 -1.81
C MET A 26 -1.86 9.53 -0.74
N GLN A 27 -2.33 10.57 -0.08
CA GLN A 27 -3.39 10.51 0.88
C GLN A 27 -4.52 11.37 0.41
N HIS A 28 -5.66 10.78 0.19
CA HIS A 28 -6.82 11.54 -0.32
C HIS A 28 -8.10 10.85 0.03
N THR A 29 -9.20 11.44 -0.40
CA THR A 29 -10.55 10.95 -0.18
C THR A 29 -11.08 10.47 -1.52
N ALA A 30 -11.55 9.22 -1.60
CA ALA A 30 -12.14 8.70 -2.81
C ALA A 30 -13.67 8.88 -2.80
N ARG A 31 -14.27 8.89 -3.99
CA ARG A 31 -15.73 8.89 -4.16
C ARG A 31 -16.16 7.48 -4.47
N PRO A 32 -17.04 6.90 -3.63
CA PRO A 32 -17.48 5.58 -3.90
C PRO A 32 -18.03 5.37 -5.31
N LEU A 33 -17.60 4.32 -6.00
CA LEU A 33 -18.16 3.93 -7.27
C LEU A 33 -17.95 4.98 -8.36
N ASP A 34 -16.90 5.79 -8.26
CA ASP A 34 -16.58 6.81 -9.32
C ASP A 34 -15.13 6.67 -9.71
N PRO A 35 -14.76 5.65 -10.39
CA PRO A 35 -13.38 5.45 -10.80
C PRO A 35 -12.85 6.55 -11.64
N GLN A 36 -13.66 7.17 -12.48
CA GLN A 36 -13.07 8.26 -13.29
C GLN A 36 -12.53 9.31 -12.37
N HIS A 37 -13.28 9.75 -11.36
CA HIS A 37 -12.87 10.77 -10.41
C HIS A 37 -11.62 10.25 -9.66
N ASN A 38 -11.74 9.03 -9.15
CA ASN A 38 -10.63 8.61 -8.25
C ASN A 38 -9.35 8.35 -9.01
N LEU A 39 -9.42 7.83 -10.24
CA LEU A 39 -8.27 7.63 -11.01
C LEU A 39 -7.65 9.00 -11.51
N ASP A 40 -8.54 9.99 -11.69
CA ASP A 40 -8.02 11.35 -12.02
C ASP A 40 -7.23 11.87 -10.83
N LEU A 41 -7.65 11.60 -9.56
CA LEU A 41 -6.91 12.00 -8.43
C LEU A 41 -5.52 11.31 -8.39
N ILE A 42 -5.45 10.00 -8.68
CA ILE A 42 -4.18 9.28 -8.71
C ILE A 42 -3.30 9.86 -9.82
N ASP A 43 -3.86 10.18 -10.99
CA ASP A 43 -3.05 10.75 -12.07
C ASP A 43 -2.48 12.07 -11.65
N ASP A 44 -3.26 12.89 -10.98
CA ASP A 44 -2.78 14.17 -10.47
CA ASP A 44 -2.77 14.17 -10.47
C ASP A 44 -1.63 13.95 -9.49
N ALA A 45 -1.82 13.05 -8.55
CA ALA A 45 -0.76 12.79 -7.61
C ALA A 45 0.50 12.24 -8.21
N ALA A 46 0.34 11.39 -9.23
CA ALA A 46 1.47 10.81 -9.93
C ALA A 46 2.30 11.94 -10.62
N ALA A 47 1.57 12.84 -11.23
CA ALA A 47 2.26 14.00 -11.85
C ALA A 47 2.97 14.83 -10.86
N ARG A 48 2.32 15.18 -9.76
CA ARG A 48 2.95 15.97 -8.74
C ARG A 48 4.17 15.28 -8.10
N ALA A 49 4.02 14.00 -7.85
CA ALA A 49 5.12 13.27 -7.31
C ALA A 49 6.34 13.24 -8.23
N SER A 50 6.06 13.02 -9.51
CA SER A 50 7.14 12.99 -10.49
C SER A 50 7.85 14.38 -10.64
N GLU A 51 7.03 15.44 -10.53
CA GLU A 51 7.63 16.76 -10.57
C GLU A 51 8.56 17.04 -9.46
N GLN A 52 8.29 16.43 -8.27
CA GLN A 52 9.10 16.56 -7.12
C GLN A 52 10.21 15.54 -7.05
N GLY A 53 10.45 14.77 -8.11
CA GLY A 53 11.58 13.89 -8.31
C GLY A 53 11.36 12.57 -7.58
N ALA A 54 10.10 12.27 -7.21
CA ALA A 54 9.83 10.91 -6.68
C ALA A 54 9.90 9.93 -7.78
N GLN A 55 10.37 8.70 -7.43
CA GLN A 55 10.45 7.63 -8.37
C GLN A 55 9.36 6.57 -8.28
N LEU A 56 8.57 6.68 -7.20
CA LEU A 56 7.51 5.70 -6.95
C LEU A 56 6.42 6.47 -6.16
N LEU A 57 5.15 6.19 -6.50
CA LEU A 57 4.02 6.68 -5.77
C LEU A 57 3.24 5.47 -5.21
N LEU A 58 2.97 5.50 -3.91
CA LEU A 58 2.09 4.52 -3.22
C LEU A 58 0.71 5.17 -3.01
N THR A 59 -0.35 4.46 -3.37
CA THR A 59 -1.69 4.97 -3.17
C THR A 59 -2.51 4.02 -2.30
N PRO A 60 -3.68 4.44 -1.82
CA PRO A 60 -4.36 3.68 -0.70
C PRO A 60 -5.18 2.54 -1.18
N GLU A 61 -5.64 1.77 -0.20
CA GLU A 61 -6.41 0.52 -0.50
C GLU A 61 -7.72 0.77 -1.18
N LEU A 62 -7.97 0.02 -2.26
CA LEU A 62 -9.22 0.13 -3.00
C LEU A 62 -9.51 1.51 -3.44
N PHE A 63 -8.50 2.36 -3.64
CA PHE A 63 -8.82 3.77 -3.94
C PHE A 63 -9.64 4.01 -5.21
N GLY A 64 -9.45 3.20 -6.20
CA GLY A 64 -10.08 3.46 -7.47
C GLY A 64 -11.55 3.37 -7.43
N PHE A 65 -12.12 2.49 -6.59
CA PHE A 65 -13.59 2.39 -6.47
C PHE A 65 -14.15 2.91 -5.20
N GLY A 66 -13.28 3.39 -4.35
CA GLY A 66 -13.60 3.75 -2.99
C GLY A 66 -13.55 2.54 -2.08
N TYR A 67 -13.39 2.82 -0.80
CA TYR A 67 -13.43 1.68 0.18
C TYR A 67 -14.91 1.42 0.49
N VAL A 68 -15.53 0.62 -0.36
CA VAL A 68 -16.94 0.24 -0.19
C VAL A 68 -17.11 -1.25 -0.55
N PRO A 69 -16.57 -2.16 0.33
CA PRO A 69 -16.56 -3.60 0.00
C PRO A 69 -17.89 -4.18 -0.52
N SER A 70 -18.95 -3.98 0.25
CA SER A 70 -20.21 -4.56 -0.17
CA SER A 70 -20.24 -4.54 -0.14
C SER A 70 -20.70 -4.05 -1.53
N GLN A 71 -20.46 -2.77 -1.84
CA GLN A 71 -20.88 -2.23 -3.10
C GLN A 71 -20.01 -2.62 -4.26
N ILE A 72 -18.73 -2.89 -3.98
CA ILE A 72 -17.85 -3.43 -4.98
C ILE A 72 -18.36 -4.81 -5.38
N CYS A 73 -18.65 -5.65 -4.38
CA CYS A 73 -19.15 -6.96 -4.65
C CYS A 73 -20.49 -6.94 -5.46
N ALA A 74 -21.33 -6.02 -5.04
CA ALA A 74 -22.66 -6.01 -5.73
C ALA A 74 -22.66 -5.35 -7.04
N GLN A 75 -21.81 -4.34 -7.32
CA GLN A 75 -21.97 -3.49 -8.46
C GLN A 75 -20.83 -3.33 -9.38
N VAL A 76 -19.60 -3.71 -9.00
CA VAL A 76 -18.50 -3.53 -9.84
C VAL A 76 -18.09 -4.78 -10.60
N SER A 77 -18.21 -4.78 -11.90
CA SER A 77 -17.86 -5.90 -12.71
C SER A 77 -16.43 -6.12 -12.90
N ALA A 78 -16.03 -7.32 -13.32
CA ALA A 78 -14.66 -7.62 -13.71
C ALA A 78 -14.19 -6.72 -14.85
N GLU A 79 -15.06 -6.43 -15.86
CA GLU A 79 -14.65 -5.55 -16.91
C GLU A 79 -14.40 -4.11 -16.42
N GLN A 80 -15.16 -3.63 -15.47
CA GLN A 80 -14.88 -2.34 -14.87
C GLN A 80 -13.55 -2.32 -14.11
N VAL A 81 -13.29 -3.42 -13.35
CA VAL A 81 -11.98 -3.50 -12.70
C VAL A 81 -10.85 -3.44 -13.69
N ASP A 82 -10.94 -4.22 -14.79
CA ASP A 82 -9.89 -4.30 -15.78
C ASP A 82 -9.65 -2.91 -16.44
N ALA A 83 -10.73 -2.23 -16.62
CA ALA A 83 -10.65 -0.86 -17.22
C ALA A 83 -9.90 0.13 -16.30
N ALA A 84 -10.19 0.00 -15.02
CA ALA A 84 -9.38 0.74 -14.06
C ALA A 84 -7.96 0.38 -14.02
N ARG A 85 -7.65 -0.93 -13.98
CA ARG A 85 -6.31 -1.43 -14.00
C ARG A 85 -5.49 -0.87 -15.21
N SER A 86 -6.18 -0.93 -16.36
CA SER A 86 -5.55 -0.44 -17.60
CA SER A 86 -5.60 -0.43 -17.64
C SER A 86 -5.23 1.05 -17.52
N ARG A 87 -6.08 1.82 -16.90
CA ARG A 87 -5.81 3.21 -16.76
C ARG A 87 -4.66 3.44 -15.81
N LEU A 88 -4.62 2.70 -14.73
CA LEU A 88 -3.50 2.84 -13.82
C LEU A 88 -2.14 2.49 -14.42
N ARG A 89 -2.09 1.38 -15.18
CA ARG A 89 -0.85 1.03 -15.87
C ARG A 89 -0.46 2.19 -16.82
N GLY A 90 -1.45 2.80 -17.44
CA GLY A 90 -1.28 4.00 -18.31
C GLY A 90 -0.71 5.17 -17.56
N ILE A 91 -1.18 5.37 -16.32
CA ILE A 91 -0.68 6.50 -15.48
C ILE A 91 0.75 6.31 -15.10
N ALA A 92 1.16 5.13 -14.72
CA ALA A 92 2.51 4.82 -14.43
C ALA A 92 3.42 5.15 -15.62
N ARG A 93 2.98 4.65 -16.79
CA ARG A 93 3.80 4.90 -18.04
C ARG A 93 3.76 6.36 -18.39
N ASP A 94 2.65 7.02 -18.40
CA ASP A 94 2.53 8.42 -18.93
C ASP A 94 3.07 9.48 -17.99
N ARG A 95 3.05 9.20 -16.69
CA ARG A 95 3.66 10.07 -15.71
C ARG A 95 5.05 9.70 -15.33
N GLY A 96 5.60 8.61 -15.88
CA GLY A 96 6.93 8.19 -15.70
C GLY A 96 7.35 7.95 -14.28
N ILE A 97 6.48 7.20 -13.55
CA ILE A 97 6.72 6.89 -12.14
C ILE A 97 6.23 5.51 -11.79
N ALA A 98 6.99 4.80 -10.97
CA ALA A 98 6.51 3.49 -10.53
C ALA A 98 5.24 3.85 -9.63
N LEU A 99 4.31 2.89 -9.62
CA LEU A 99 2.99 3.12 -9.03
C LEU A 99 2.55 1.86 -8.29
N VAL A 100 2.12 2.01 -7.03
CA VAL A 100 1.48 0.91 -6.33
C VAL A 100 0.06 1.29 -6.15
N TRP A 101 -0.79 0.44 -6.63
CA TRP A 101 -2.27 0.61 -6.50
C TRP A 101 -2.90 -0.59 -5.82
N SER A 102 -4.19 -0.42 -5.50
CA SER A 102 -4.94 -1.53 -4.90
C SER A 102 -6.35 -1.53 -5.48
N LEU A 103 -6.71 -2.68 -6.06
CA LEU A 103 -7.99 -2.83 -6.74
C LEU A 103 -8.60 -4.13 -6.30
N PRO A 104 -9.89 -4.36 -6.55
CA PRO A 104 -10.37 -5.73 -6.55
C PRO A 104 -9.49 -6.54 -7.50
N GLY A 105 -9.43 -7.84 -7.29
CA GLY A 105 -8.76 -8.74 -8.16
C GLY A 105 -9.54 -8.91 -9.46
N PRO A 106 -8.95 -9.74 -10.29
CA PRO A 106 -9.44 -9.72 -11.81
C PRO A 106 -10.52 -10.71 -12.02
N GLU A 107 -10.82 -11.63 -11.11
CA GLU A 107 -11.85 -12.63 -11.34
C GLU A 107 -13.19 -12.04 -11.17
N GLY A 108 -14.24 -12.90 -11.34
CA GLY A 108 -15.52 -12.44 -11.12
C GLY A 108 -15.79 -11.91 -9.71
N PRO A 109 -16.85 -11.19 -9.49
CA PRO A 109 -17.18 -10.58 -8.19
C PRO A 109 -17.28 -11.53 -7.07
N GLU A 110 -17.62 -12.81 -7.27
CA GLU A 110 -17.69 -13.79 -6.21
C GLU A 110 -16.40 -14.56 -5.98
N GLN A 111 -15.37 -14.33 -6.76
CA GLN A 111 -14.15 -15.12 -6.72
C GLN A 111 -12.89 -14.28 -6.52
N ARG A 112 -13.02 -12.99 -6.38
CA ARG A 112 -11.80 -12.11 -6.34
C ARG A 112 -11.56 -11.58 -4.93
N GLY A 113 -10.29 -11.16 -4.78
CA GLY A 113 -9.85 -10.58 -3.51
C GLY A 113 -9.60 -9.14 -3.59
N ILE A 114 -8.90 -8.59 -2.57
CA ILE A 114 -8.33 -7.21 -2.59
C ILE A 114 -6.91 -7.32 -2.94
N THR A 115 -6.42 -6.57 -3.91
CA THR A 115 -5.05 -6.75 -4.39
C THR A 115 -4.20 -5.53 -4.22
N ALA A 116 -2.90 -5.69 -4.36
CA ALA A 116 -1.96 -4.56 -4.52
C ALA A 116 -1.10 -4.95 -5.68
N GLU A 117 -0.72 -3.98 -6.53
CA GLU A 117 0.18 -4.26 -7.62
C GLU A 117 1.17 -3.14 -7.73
N LEU A 118 2.37 -3.48 -8.16
N LEU A 118 2.35 -3.48 -8.20
CA LEU A 118 3.45 -2.50 -8.42
CA LEU A 118 3.41 -2.48 -8.44
C LEU A 118 3.71 -2.47 -9.93
C LEU A 118 3.69 -2.47 -9.94
N ALA A 119 3.59 -1.32 -10.54
CA ALA A 119 4.02 -1.11 -11.95
C ALA A 119 5.23 -0.26 -11.91
N ASP A 120 6.19 -0.54 -12.82
CA ASP A 120 7.34 0.38 -12.91
C ASP A 120 7.01 1.56 -13.78
N GLU A 121 8.00 2.41 -13.91
CA GLU A 121 7.83 3.65 -14.64
C GLU A 121 7.64 3.49 -16.11
N HIS A 122 7.86 2.27 -16.62
CA HIS A 122 7.50 1.97 -17.98
C HIS A 122 6.16 1.40 -18.07
N GLY A 123 5.43 1.24 -16.95
CA GLY A 123 4.13 0.66 -17.00
C GLY A 123 4.20 -0.88 -16.90
N GLU A 124 5.37 -1.53 -16.67
CA GLU A 124 5.42 -3.00 -16.61
C GLU A 124 4.88 -3.36 -15.16
N VAL A 125 3.96 -4.34 -15.04
CA VAL A 125 3.57 -4.86 -13.69
C VAL A 125 4.57 -5.76 -13.22
N LEU A 126 5.31 -5.41 -12.21
CA LEU A 126 6.37 -6.17 -11.68
C LEU A 126 5.91 -7.16 -10.68
N ALA A 127 4.90 -6.81 -9.86
CA ALA A 127 4.45 -7.69 -8.81
C ALA A 127 3.00 -7.47 -8.47
N SER A 128 2.34 -8.56 -8.05
CA SER A 128 0.95 -8.54 -7.71
C SER A 128 0.72 -9.37 -6.45
N TYR A 129 -0.21 -8.96 -5.60
CA TYR A 129 -0.40 -9.58 -4.31
C TYR A 129 -1.85 -9.47 -3.92
N GLN A 130 -2.37 -10.51 -3.30
CA GLN A 130 -3.76 -10.58 -2.87
C GLN A 130 -3.74 -10.56 -1.36
N LYS A 131 -4.45 -9.63 -0.74
CA LYS A 131 -4.57 -9.47 0.73
C LYS A 131 -4.93 -10.77 1.41
N VAL A 132 -4.10 -11.23 2.35
CA VAL A 132 -4.29 -12.50 3.07
C VAL A 132 -5.24 -12.32 4.28
N GLN A 133 -5.10 -11.18 4.97
CA GLN A 133 -5.85 -10.93 6.19
C GLN A 133 -6.96 -9.91 5.98
N LEU A 134 -8.12 -10.42 5.67
CA LEU A 134 -9.33 -9.60 5.47
C LEU A 134 -9.78 -9.06 6.78
N TYR A 135 -10.30 -7.82 6.82
CA TYR A 135 -10.74 -7.14 8.00
C TYR A 135 -12.27 -7.06 8.08
N GLY A 136 -12.83 -7.80 9.06
CA GLY A 136 -14.23 -7.64 9.33
C GLY A 136 -15.19 -8.35 8.39
N PRO A 137 -16.48 -8.34 8.81
CA PRO A 137 -17.40 -9.13 8.10
C PRO A 137 -17.76 -8.63 6.72
N GLU A 138 -17.65 -7.29 6.49
CA GLU A 138 -17.96 -6.77 5.18
C GLU A 138 -16.91 -7.19 4.16
N GLU A 139 -15.59 -7.07 4.52
CA GLU A 139 -14.59 -7.56 3.63
C GLU A 139 -14.73 -9.05 3.37
N LYS A 140 -15.02 -9.78 4.42
CA LYS A 140 -15.14 -11.23 4.29
C LYS A 140 -16.38 -11.65 3.55
N ALA A 141 -17.33 -10.82 3.42
CA ALA A 141 -18.50 -11.10 2.61
C ALA A 141 -18.27 -10.73 1.16
N ALA A 142 -17.36 -9.78 0.87
CA ALA A 142 -17.19 -9.26 -0.47
C ALA A 142 -16.01 -9.79 -1.30
N PHE A 143 -15.01 -10.38 -0.58
CA PHE A 143 -13.74 -10.80 -1.07
C PHE A 143 -13.22 -12.15 -0.58
N VAL A 144 -12.42 -12.78 -1.40
CA VAL A 144 -11.76 -14.05 -1.11
C VAL A 144 -10.38 -13.71 -0.53
N PRO A 145 -9.97 -14.31 0.57
CA PRO A 145 -8.62 -14.05 1.11
C PRO A 145 -7.55 -14.65 0.19
N GLY A 146 -6.40 -13.97 0.10
CA GLY A 146 -5.25 -14.50 -0.56
C GLY A 146 -4.61 -15.66 0.24
N GLU A 147 -3.86 -16.46 -0.57
CA GLU A 147 -3.24 -17.69 -0.03
C GLU A 147 -1.78 -17.74 -0.25
N GLN A 148 -1.15 -16.66 -0.75
CA GLN A 148 0.26 -16.65 -1.13
C GLN A 148 1.03 -15.64 -0.30
N PRO A 149 2.28 -15.89 -0.01
CA PRO A 149 3.04 -14.95 0.78
C PRO A 149 3.33 -13.67 -0.03
N PRO A 150 3.77 -12.61 0.63
CA PRO A 150 4.05 -11.31 -0.03
C PRO A 150 5.19 -11.46 -1.01
N PRO A 151 5.14 -10.81 -2.14
CA PRO A 151 6.22 -10.89 -3.12
C PRO A 151 7.33 -9.96 -2.68
N VAL A 152 8.56 -10.29 -3.12
CA VAL A 152 9.68 -9.41 -2.85
C VAL A 152 10.48 -9.28 -4.10
N LEU A 153 10.84 -8.07 -4.50
CA LEU A 153 11.58 -7.88 -5.74
C LEU A 153 12.48 -6.72 -5.70
N SER A 154 13.55 -6.77 -6.56
CA SER A 154 14.47 -5.66 -6.72
C SER A 154 13.92 -4.52 -7.52
N TRP A 155 13.96 -3.34 -6.94
CA TRP A 155 13.59 -2.11 -7.70
C TRP A 155 14.29 -1.01 -7.07
N GLY A 156 14.94 -0.19 -7.93
CA GLY A 156 15.62 0.97 -7.40
C GLY A 156 16.78 0.79 -6.47
N GLY A 157 17.41 -0.37 -6.52
CA GLY A 157 18.49 -0.72 -5.66
C GLY A 157 18.15 -1.36 -4.33
N ARG A 158 16.84 -1.63 -4.13
CA ARG A 158 16.47 -2.31 -2.90
C ARG A 158 15.46 -3.41 -3.18
N GLN A 159 15.21 -4.23 -2.16
CA GLN A 159 14.16 -5.24 -2.25
C GLN A 159 12.84 -4.68 -1.64
N LEU A 160 11.86 -4.61 -2.51
CA LEU A 160 10.49 -4.05 -2.19
C LEU A 160 9.58 -5.19 -2.00
N SER A 161 8.52 -4.99 -1.15
CA SER A 161 7.47 -5.93 -0.97
C SER A 161 6.15 -5.20 -0.82
N LEU A 162 5.07 -5.94 -0.91
CA LEU A 162 3.70 -5.43 -0.81
C LEU A 162 2.94 -6.15 0.27
N LEU A 163 2.14 -5.40 1.01
CA LEU A 163 1.13 -5.96 1.89
C LEU A 163 -0.06 -5.03 1.84
N VAL A 164 -1.25 -5.39 2.32
CA VAL A 164 -2.41 -4.49 2.27
C VAL A 164 -3.01 -4.36 3.61
N ALA A 165 -3.13 -3.13 4.05
CA ALA A 165 -3.96 -2.74 5.21
C ALA A 165 -3.76 -3.65 6.42
N TYR A 166 -4.81 -4.32 6.84
CA TYR A 166 -4.82 -5.21 8.01
C TYR A 166 -3.66 -6.16 8.07
N ASP A 167 -3.17 -6.58 6.90
CA ASP A 167 -2.04 -7.52 6.87
C ASP A 167 -0.89 -7.01 7.76
N VAL A 168 -0.55 -5.70 7.72
CA VAL A 168 0.63 -5.23 8.40
C VAL A 168 0.48 -5.31 9.90
N GLU A 169 -0.72 -5.44 10.41
CA GLU A 169 -0.95 -5.53 11.85
C GLU A 169 -0.58 -6.90 12.39
N PHE A 170 -0.31 -7.87 11.52
CA PHE A 170 0.14 -9.22 11.97
C PHE A 170 1.62 -9.25 11.81
N PRO A 171 2.35 -9.48 12.89
CA PRO A 171 3.75 -9.59 12.74
C PRO A 171 4.17 -10.66 11.76
N GLU A 172 3.39 -11.75 11.68
CA GLU A 172 3.75 -12.83 10.78
C GLU A 172 3.82 -12.37 9.33
N MET A 173 2.94 -11.46 8.95
CA MET A 173 2.90 -11.04 7.55
C MET A 173 4.09 -10.23 7.19
N VAL A 174 4.54 -9.33 8.02
CA VAL A 174 5.72 -8.58 7.80
C VAL A 174 6.99 -9.40 7.89
N ARG A 175 7.00 -10.37 8.83
CA ARG A 175 8.10 -11.32 8.90
C ARG A 175 8.15 -12.13 7.62
N ALA A 176 7.05 -12.53 7.07
CA ALA A 176 7.09 -13.33 5.83
C ALA A 176 7.75 -12.51 4.73
N ALA A 177 7.53 -11.22 4.66
CA ALA A 177 8.19 -10.41 3.64
C ALA A 177 9.67 -10.26 3.94
N ALA A 178 10.01 -9.93 5.17
CA ALA A 178 11.41 -9.78 5.52
C ALA A 178 12.18 -11.06 5.40
N ALA A 179 11.59 -12.22 5.66
CA ALA A 179 12.26 -13.49 5.45
C ALA A 179 12.65 -13.75 4.02
N ARG A 180 11.95 -13.14 3.08
CA ARG A 180 12.19 -13.29 1.66
C ARG A 180 13.12 -12.21 1.17
N GLY A 181 13.62 -11.36 2.03
CA GLY A 181 14.59 -10.29 1.72
C GLY A 181 14.09 -8.90 1.63
N ALA A 182 12.82 -8.68 1.98
CA ALA A 182 12.29 -7.34 1.89
C ALA A 182 13.03 -6.34 2.72
N GLN A 183 13.24 -5.18 2.14
CA GLN A 183 13.85 -4.02 2.84
C GLN A 183 12.86 -2.87 2.99
N LEU A 184 11.99 -2.73 2.00
CA LEU A 184 10.99 -1.66 1.90
C LEU A 184 9.64 -2.26 1.64
N VAL A 185 8.73 -2.21 2.62
CA VAL A 185 7.40 -2.78 2.50
C VAL A 185 6.36 -1.65 2.30
N LEU A 186 5.65 -1.73 1.18
CA LEU A 186 4.73 -0.74 0.74
C LEU A 186 3.29 -1.24 0.95
N VAL A 187 2.49 -0.43 1.69
CA VAL A 187 1.22 -0.87 2.23
C VAL A 187 0.16 0.17 1.91
N PRO A 188 -0.64 -0.06 0.85
CA PRO A 188 -1.92 0.66 0.70
C PRO A 188 -2.83 0.32 1.87
N THR A 189 -3.50 1.29 2.46
CA THR A 189 -4.40 1.04 3.57
C THR A 189 -5.71 1.80 3.51
N ALA A 190 -6.59 1.47 4.41
CA ALA A 190 -7.84 2.21 4.58
C ALA A 190 -8.17 2.02 6.05
N LEU A 191 -7.80 2.97 6.86
CA LEU A 191 -7.89 2.92 8.32
C LEU A 191 -8.71 4.08 8.81
N ALA A 192 -9.86 3.74 9.45
CA ALA A 192 -10.84 4.66 9.95
C ALA A 192 -11.09 4.34 11.42
N GLY A 193 -11.68 5.35 12.05
CA GLY A 193 -12.10 5.11 13.44
C GLY A 193 -11.11 5.54 14.46
N ASP A 194 -10.19 6.38 14.11
CA ASP A 194 -9.21 6.97 15.03
C ASP A 194 -8.40 5.87 15.68
N GLU A 195 -7.91 4.96 14.87
CA GLU A 195 -7.14 3.84 15.28
C GLU A 195 -5.67 4.17 15.40
N THR A 196 -5.30 4.92 16.43
CA THR A 196 -4.00 5.47 16.54
C THR A 196 -2.95 4.40 16.82
N SER A 197 -3.32 3.25 17.34
CA SER A 197 -2.38 2.26 17.74
C SER A 197 -1.76 1.64 16.52
N VAL A 198 -2.38 1.71 15.33
CA VAL A 198 -1.77 1.05 14.18
C VAL A 198 -0.54 1.76 13.73
N PRO A 199 -0.63 3.04 13.34
CA PRO A 199 0.58 3.76 13.02
C PRO A 199 1.41 4.15 14.21
N GLY A 200 0.84 4.28 15.37
CA GLY A 200 1.53 4.76 16.54
C GLY A 200 2.31 3.70 17.29
N ILE A 201 1.79 2.50 17.28
CA ILE A 201 2.38 1.39 18.06
C ILE A 201 2.83 0.20 17.17
N LEU A 202 1.93 -0.26 16.30
CA LEU A 202 2.28 -1.46 15.52
C LEU A 202 3.29 -1.19 14.42
N LEU A 203 3.13 -0.15 13.59
CA LEU A 203 4.06 0.06 12.50
C LEU A 203 5.50 0.23 12.96
N PRO A 204 5.79 1.04 14.00
CA PRO A 204 7.17 1.19 14.49
C PRO A 204 7.71 -0.16 14.90
N ALA A 205 6.92 -1.05 15.50
CA ALA A 205 7.47 -2.34 15.89
C ALA A 205 7.75 -3.18 14.66
N ARG A 206 6.87 -3.21 13.64
CA ARG A 206 7.13 -3.95 12.46
C ARG A 206 8.43 -3.61 11.79
N ALA A 207 8.73 -2.30 11.83
CA ALA A 207 10.00 -1.83 11.34
C ALA A 207 11.19 -2.26 12.15
N VAL A 208 11.12 -2.07 13.45
CA VAL A 208 12.23 -2.45 14.32
C VAL A 208 12.45 -3.95 14.34
N GLU A 209 11.39 -4.71 14.47
CA GLU A 209 11.53 -6.12 14.73
C GLU A 209 12.09 -6.88 13.51
N ASN A 210 12.03 -6.24 12.30
CA ASN A 210 12.58 -6.79 11.08
C ASN A 210 13.76 -6.03 10.52
N GLY A 211 14.04 -4.83 11.04
CA GLY A 211 15.01 -3.96 10.40
C GLY A 211 14.66 -3.47 9.06
N ILE A 212 13.44 -3.00 8.85
CA ILE A 212 13.00 -2.61 7.55
C ILE A 212 12.37 -1.22 7.61
N THR A 213 12.09 -0.72 6.41
CA THR A 213 11.29 0.50 6.26
C THR A 213 9.91 0.13 5.76
N LEU A 214 8.88 0.82 6.24
CA LEU A 214 7.51 0.57 5.85
C LEU A 214 6.89 1.88 5.42
N ALA A 215 6.09 1.88 4.35
CA ALA A 215 5.31 3.03 3.90
C ALA A 215 3.84 2.63 3.89
N TYR A 216 3.05 3.52 4.50
CA TYR A 216 1.66 3.23 4.84
C TYR A 216 0.77 4.38 4.31
N ALA A 217 0.02 4.18 3.24
CA ALA A 217 -0.69 5.24 2.56
C ALA A 217 -2.18 5.06 2.74
N ASN A 218 -2.79 5.95 3.49
CA ASN A 218 -4.21 5.90 3.91
C ASN A 218 -5.08 6.85 3.13
N HIS A 219 -6.37 6.53 3.11
CA HIS A 219 -7.40 7.51 2.83
C HIS A 219 -7.44 8.53 3.97
N CYS A 220 -8.08 9.67 3.73
CA CYS A 220 -8.15 10.69 4.76
C CYS A 220 -9.35 11.61 4.63
N GLY A 221 -10.50 11.13 5.08
CA GLY A 221 -11.73 11.89 5.01
C GLY A 221 -12.97 11.02 4.97
N PRO A 222 -14.10 12.00 4.51
N PRO A 222 -14.16 11.85 5.34
CA PRO A 222 -15.42 11.35 4.46
CA PRO A 222 -15.28 10.94 5.18
C PRO A 222 -15.56 10.47 3.31
C PRO A 222 -15.38 10.43 3.71
N GLU A 223 -15.72 9.20 3.60
CA GLU A 223 -15.87 8.42 2.37
C GLU A 223 -16.51 7.06 2.67
N GLY A 224 -17.61 6.76 2.00
CA GLY A 224 -18.31 5.47 2.19
C GLY A 224 -18.91 5.24 3.53
N GLY A 225 -19.30 6.28 4.25
CA GLY A 225 -19.86 6.14 5.56
C GLY A 225 -18.91 6.09 6.72
N LEU A 226 -17.59 6.20 6.40
CA LEU A 226 -16.52 6.23 7.38
C LEU A 226 -15.80 7.58 7.23
N VAL A 227 -15.06 7.87 8.30
CA VAL A 227 -14.12 9.02 8.26
C VAL A 227 -12.71 8.44 8.52
N PHE A 228 -11.93 8.48 7.39
CA PHE A 228 -10.62 7.87 7.47
C PHE A 228 -9.63 8.78 8.17
N ASP A 229 -8.68 8.15 8.81
CA ASP A 229 -7.77 8.76 9.77
C ASP A 229 -6.68 9.63 9.12
N GLY A 230 -6.38 9.46 7.82
CA GLY A 230 -5.13 10.01 7.31
C GLY A 230 -3.97 9.37 8.07
N GLY A 231 -3.00 10.20 8.46
CA GLY A 231 -1.85 9.71 9.16
C GLY A 231 -0.93 8.83 8.35
N SER A 232 -0.94 9.01 7.06
CA SER A 232 0.04 8.32 6.22
C SER A 232 1.45 8.51 6.70
N VAL A 233 2.32 7.53 6.61
CA VAL A 233 3.62 7.61 7.28
C VAL A 233 4.60 6.67 6.60
N VAL A 234 5.86 7.09 6.65
CA VAL A 234 6.99 6.23 6.32
C VAL A 234 7.79 6.04 7.58
N VAL A 235 7.99 4.81 8.01
CA VAL A 235 8.72 4.48 9.22
CA VAL A 235 8.76 4.52 9.22
C VAL A 235 10.02 3.78 8.88
N GLY A 236 11.13 4.28 9.43
CA GLY A 236 12.38 3.63 9.14
C GLY A 236 12.73 2.51 10.14
N PRO A 237 13.91 1.89 9.97
CA PRO A 237 14.24 0.68 10.71
C PRO A 237 14.49 0.89 12.17
N ALA A 238 14.64 2.11 12.62
CA ALA A 238 14.64 2.45 14.05
C ALA A 238 13.33 2.68 14.65
N GLY A 239 12.25 2.54 13.83
CA GLY A 239 10.95 2.84 14.29
C GLY A 239 10.46 4.30 14.29
N GLN A 240 11.27 5.16 13.71
CA GLN A 240 11.03 6.60 13.69
C GLN A 240 10.34 6.97 12.41
N PRO A 241 9.50 7.96 12.45
CA PRO A 241 8.85 8.42 11.20
C PRO A 241 9.82 9.19 10.39
N LEU A 242 9.99 8.83 9.14
CA LEU A 242 10.73 9.63 8.23
C LEU A 242 9.93 10.73 7.63
N GLY A 243 8.62 10.59 7.60
CA GLY A 243 7.72 11.63 7.13
C GLY A 243 6.35 11.17 7.53
N GLU A 244 5.40 12.10 7.77
CA GLU A 244 4.05 11.76 8.16
CA GLU A 244 4.08 11.78 8.26
C GLU A 244 3.13 12.86 7.79
N LEU A 245 1.89 12.49 7.44
CA LEU A 245 0.81 13.44 7.21
C LEU A 245 -0.13 13.45 8.35
N GLY A 246 -0.97 14.52 8.30
CA GLY A 246 -2.09 14.64 9.25
C GLY A 246 -3.40 14.09 8.72
N VAL A 247 -4.50 14.81 8.90
CA VAL A 247 -5.79 14.33 8.51
C VAL A 247 -6.33 14.78 7.18
N GLU A 248 -5.63 15.67 6.51
CA GLU A 248 -6.12 16.23 5.28
C GLU A 248 -5.45 15.66 4.04
N PRO A 249 -5.97 15.85 2.85
CA PRO A 249 -5.36 15.30 1.64
C PRO A 249 -3.95 15.82 1.54
N GLY A 250 -3.04 14.98 1.08
CA GLY A 250 -1.67 15.44 0.88
C GLY A 250 -0.81 14.45 0.16
N LEU A 251 0.36 14.88 -0.21
CA LEU A 251 1.34 14.07 -0.94
C LEU A 251 2.62 14.11 -0.12
N LEU A 252 2.93 12.98 0.53
CA LEU A 252 4.15 12.88 1.36
C LEU A 252 5.27 12.39 0.50
N VAL A 253 6.40 13.15 0.48
CA VAL A 253 7.52 12.78 -0.29
C VAL A 253 8.69 12.65 0.62
N VAL A 254 9.41 11.50 0.57
CA VAL A 254 10.43 11.13 1.56
CA VAL A 254 10.49 11.25 1.52
C VAL A 254 11.64 10.62 0.83
N ASP A 255 12.85 11.11 1.19
CA ASP A 255 14.07 10.50 0.75
C ASP A 255 14.48 9.36 1.69
N LEU A 256 14.78 8.21 1.12
CA LEU A 256 15.24 7.09 1.94
C LEU A 256 16.82 7.18 1.90
N PRO A 257 17.46 6.94 3.03
CA PRO A 257 18.93 6.82 3.03
C PRO A 257 19.51 5.54 2.47
N ALA A 268 20.21 -5.69 17.29
CA ALA A 268 20.00 -7.17 17.28
C ALA A 268 19.70 -7.67 15.89
N ASP A 269 20.13 -8.87 15.57
CA ASP A 269 19.83 -9.50 14.28
C ASP A 269 18.70 -10.49 14.48
N TYR A 270 17.49 -9.91 14.55
CA TYR A 270 16.31 -10.67 14.74
C TYR A 270 16.05 -11.70 13.64
N LEU A 271 16.28 -11.29 12.39
CA LEU A 271 15.96 -12.19 11.33
C LEU A 271 16.83 -13.45 11.29
N GLN A 272 18.06 -13.33 11.70
CA GLN A 272 18.96 -14.48 11.83
CA GLN A 272 18.94 -14.49 11.82
C GLN A 272 18.74 -15.24 13.13
N ASP A 273 18.50 -14.54 14.25
CA ASP A 273 18.43 -15.21 15.51
C ASP A 273 17.15 -15.98 15.73
N ARG A 274 16.03 -15.55 15.13
CA ARG A 274 14.78 -16.21 15.38
C ARG A 274 14.88 -17.72 15.16
N ARG A 275 14.27 -18.49 16.05
CA ARG A 275 14.26 -19.95 15.93
C ARG A 275 13.00 -20.34 15.16
N ALA A 276 13.11 -20.11 13.85
CA ALA A 276 11.92 -20.30 12.99
C ALA A 276 11.38 -21.68 12.93
N GLU A 277 12.28 -22.67 13.04
CA GLU A 277 11.77 -24.03 13.03
C GLU A 277 11.00 -24.40 14.22
N LEU A 278 11.25 -23.78 15.38
CA LEU A 278 10.38 -23.95 16.51
C LEU A 278 9.12 -23.08 16.42
N HIS A 279 9.31 -21.82 16.01
CA HIS A 279 8.21 -20.88 15.93
C HIS A 279 7.08 -21.44 15.06
N ARG A 280 7.47 -22.05 13.97
CA ARG A 280 6.45 -22.54 13.08
C ARG A 280 5.57 -23.61 13.65
N ASN A 281 6.02 -24.31 14.66
CA ASN A 281 5.24 -25.29 15.28
C ASN A 281 4.38 -24.75 16.42
N TRP A 282 4.65 -23.49 16.82
CA TRP A 282 3.99 -22.93 17.98
C TRP A 282 2.90 -21.92 17.70
N LEU A 283 2.74 -21.53 16.44
CA LEU A 283 1.62 -20.61 16.16
C LEU A 283 0.34 -21.29 16.19
C1 PEG B . -2.20 -11.86 -7.35
O1 PEG B . -1.30 -12.88 -8.02
C2 PEG B . -2.72 -10.99 -8.52
O2 PEG B . -3.84 -10.16 -8.48
C3 PEG B . -3.95 -9.03 -9.48
C4 PEG B . -4.08 -9.69 -10.81
O4 PEG B . -4.18 -8.80 -11.84
C1 PEG C . -18.40 -12.99 -2.51
O1 PEG C . -19.74 -13.48 -2.77
C2 PEG C . -17.94 -14.00 -1.53
O2 PEG C . -16.56 -14.00 -1.32
C3 PEG C . -16.52 -14.65 0.06
C4 PEG C . -16.75 -16.13 -0.10
O4 PEG C . -15.68 -16.94 0.25
NAB CNV D . -7.24 -2.51 13.65
CAC CNV D . -7.95 -1.98 12.80
CAD CNV D . -8.66 -1.42 11.66
CAA CNV D . -7.50 -1.99 10.76
NAB CNV E . -7.79 -3.57 6.64
CAC CNV E . -7.61 -2.90 7.47
CAD CNV E . -7.36 -2.03 8.56
CAA CNV E . -6.74 -0.90 7.94
NAB CNV F . -11.24 6.29 -15.88
CAC CNV F . -11.61 5.15 -15.89
CAD CNV F . -12.06 3.74 -15.90
CAA CNV F . -11.93 3.15 -14.55
#